data_8A0Z
#
_entry.id   8A0Z
#
_cell.length_a   41.179
_cell.length_b   45.449
_cell.length_c   54.074
_cell.angle_alpha   105.270
_cell.angle_beta   93.330
_cell.angle_gamma   90.200
#
_symmetry.space_group_name_H-M   'P 1'
#
loop_
_entity.id
_entity.type
_entity.pdbx_description
1 polymer 'Dihydrofolate reductase'
2 non-polymer 'NADPH DIHYDRO-NICOTINAMIDE-ADENINE-DINUCLEOTIDE PHOSPHATE'
3 non-polymer 5-(4-CHLORO-PHENYL)-6-ETHYL-PYRIMIDINE-2,4-DIAMINE
4 non-polymer 'NITRATE ION'
5 non-polymer '4-(2-HYDROXYETHYL)-1-PIPERAZINE ETHANESULFONIC ACID'
6 water water
#
_entity_poly.entity_id   1
_entity_poly.type   'polypeptide(L)'
_entity_poly.pdbx_seq_one_letter_code
;MSTRPKISLIVAALQPSMGIGAKGSLPWRLKNEMKYFKDVTSKAKDGHINAVVMGRKTWELIPERFRPLAGRLNVILSRK
NDDLIDSNGVYHFSSFDSVMKHLEKDSFRFKDMPLDKIFIIGGSQIYNLLILDSRVDNLLVTQVHFVGEDADKPQMDTFL
DWDLSKWKRLEHDKLEQYVGLDVPRGLNEEGSYNYEYTMWEKAQ
;
_entity_poly.pdbx_strand_id   B,A
#
# COMPACT_ATOMS: atom_id res chain seq x y z
N THR A 3 23.90 -8.51 -3.92
CA THR A 3 23.68 -9.25 -2.68
C THR A 3 24.98 -9.78 -2.09
N ARG A 4 26.00 -8.95 -1.81
CA ARG A 4 27.14 -9.54 -1.12
C ARG A 4 26.75 -10.03 0.26
N PRO A 5 26.38 -9.17 1.22
CA PRO A 5 25.70 -9.68 2.41
C PRO A 5 24.43 -10.39 1.99
N LYS A 6 24.04 -11.39 2.76
CA LYS A 6 22.81 -12.08 2.46
C LYS A 6 21.61 -11.24 2.89
N ILE A 7 20.47 -11.45 2.20
CA ILE A 7 19.27 -10.64 2.37
C ILE A 7 18.15 -11.55 2.85
N SER A 8 17.60 -11.26 4.02
CA SER A 8 16.50 -12.01 4.61
C SER A 8 15.25 -11.15 4.66
N LEU A 9 14.11 -11.74 4.32
CA LEU A 9 12.82 -11.16 4.64
C LEU A 9 12.38 -11.80 5.96
N ILE A 10 12.32 -11.01 7.04
CA ILE A 10 11.97 -11.52 8.36
C ILE A 10 10.60 -10.97 8.75
N VAL A 11 9.70 -11.88 9.11
CA VAL A 11 8.28 -11.54 9.30
C VAL A 11 7.66 -12.53 10.28
N ALA A 12 6.61 -12.06 10.98
CA ALA A 12 5.78 -12.94 11.79
C ALA A 12 4.39 -12.95 11.16
N ALA A 13 3.94 -14.13 10.71
CA ALA A 13 2.75 -14.25 9.89
C ALA A 13 1.78 -15.25 10.52
N LEU A 14 0.53 -14.81 10.71
CA LEU A 14 -0.52 -15.72 11.16
C LEU A 14 -0.81 -16.79 10.13
N GLN A 15 -1.05 -18.10 10.63
CA GLN A 15 -1.36 -19.20 9.73
C GLN A 15 -2.86 -19.41 9.64
N PRO A 16 -3.39 -19.85 8.48
CA PRO A 16 -2.67 -20.33 7.30
C PRO A 16 -2.52 -19.31 6.15
N SER A 17 -3.13 -18.14 6.26
CA SER A 17 -3.17 -17.19 5.15
C SER A 17 -2.13 -16.08 5.26
N MET A 18 -1.23 -16.14 6.23
CA MET A 18 -0.10 -15.21 6.31
C MET A 18 -0.55 -13.78 6.58
N GLY A 19 -1.54 -13.63 7.45
CA GLY A 19 -1.91 -12.31 7.93
C GLY A 19 -0.78 -11.69 8.71
N ILE A 20 -0.46 -10.42 8.45
CA ILE A 20 0.63 -9.73 9.15
C ILE A 20 0.17 -8.47 9.84
N GLY A 21 -1.09 -8.06 9.68
CA GLY A 21 -1.52 -6.84 10.31
C GLY A 21 -3.03 -6.79 10.42
N ALA A 22 -3.49 -5.91 11.30
CA ALA A 22 -4.92 -5.70 11.51
C ALA A 22 -5.09 -4.28 12.02
N LYS A 23 -5.97 -3.52 11.36
CA LYS A 23 -6.24 -2.14 11.73
C LYS A 23 -4.96 -1.33 11.90
N GLY A 24 -3.98 -1.56 11.02
CA GLY A 24 -2.79 -0.74 10.96
C GLY A 24 -1.69 -1.08 11.94
N SER A 25 -1.81 -2.17 12.69
CA SER A 25 -0.77 -2.52 13.65
C SER A 25 -0.69 -4.03 13.75
N LEU A 26 0.05 -4.50 14.77
CA LEU A 26 0.28 -5.92 14.99
C LEU A 26 -0.62 -6.44 16.10
N PRO A 27 -1.47 -7.43 15.83
CA PRO A 27 -2.48 -7.85 16.84
C PRO A 27 -1.92 -8.55 18.07
N TRP A 28 -0.82 -9.28 17.95
CA TRP A 28 -0.29 -10.08 19.05
C TRP A 28 0.91 -9.41 19.70
N ARG A 29 1.04 -9.61 21.00
CA ARG A 29 2.24 -9.31 21.79
C ARG A 29 2.88 -10.64 22.18
N LEU A 30 3.97 -11.00 21.51
CA LEU A 30 4.70 -12.22 21.83
C LEU A 30 6.10 -11.81 22.27
N LYS A 31 6.35 -11.90 23.58
CA LYS A 31 7.58 -11.31 24.12
C LYS A 31 8.81 -12.03 23.59
N ASN A 32 8.78 -13.35 23.55
CA ASN A 32 9.98 -14.04 23.11
C ASN A 32 10.17 -13.90 21.61
N GLU A 33 9.09 -13.70 20.86
CA GLU A 33 9.22 -13.46 19.43
C GLU A 33 9.97 -12.15 19.21
N MET A 34 9.58 -11.12 19.97
CA MET A 34 10.35 -9.89 20.06
C MET A 34 11.82 -10.13 20.36
N LYS A 35 12.12 -10.95 21.37
CA LYS A 35 13.53 -11.21 21.71
C LYS A 35 14.26 -11.85 20.54
N TYR A 36 13.61 -12.81 19.86
CA TYR A 36 14.17 -13.44 18.68
C TYR A 36 14.47 -12.40 17.59
N PHE A 37 13.49 -11.57 17.26
CA PHE A 37 13.70 -10.51 16.28
C PHE A 37 14.91 -9.65 16.65
N LYS A 38 14.96 -9.17 17.88
CA LYS A 38 16.10 -8.36 18.32
C LYS A 38 17.42 -9.11 18.16
N ASP A 39 17.47 -10.33 18.65
CA ASP A 39 18.71 -11.08 18.65
C ASP A 39 19.18 -11.39 17.22
N VAL A 40 18.28 -11.91 16.40
CA VAL A 40 18.64 -12.28 15.03
C VAL A 40 19.10 -11.06 14.24
N THR A 41 18.31 -9.98 14.26
CA THR A 41 18.70 -8.80 13.48
C THR A 41 19.95 -8.14 14.03
N SER A 42 20.32 -8.39 15.28
CA SER A 42 21.49 -7.73 15.86
C SER A 42 22.78 -8.56 15.79
N LYS A 43 22.68 -9.88 15.62
CA LYS A 43 23.83 -10.76 15.71
C LYS A 43 24.74 -10.58 14.50
N ALA A 44 25.98 -10.14 14.75
CA ALA A 44 26.96 -9.99 13.69
C ALA A 44 28.36 -10.29 14.25
N LYS A 45 29.31 -10.48 13.34
CA LYS A 45 30.70 -10.60 13.76
C LYS A 45 31.15 -9.35 14.53
N ASP A 46 32.21 -9.54 15.33
CA ASP A 46 32.80 -8.45 16.08
C ASP A 46 33.18 -7.32 15.13
N GLY A 47 32.70 -6.11 15.41
CA GLY A 47 32.99 -5.00 14.53
C GLY A 47 32.21 -4.96 13.24
N HIS A 48 31.29 -5.90 13.05
CA HIS A 48 30.38 -5.90 11.91
C HIS A 48 29.02 -5.39 12.35
N ILE A 49 28.12 -5.23 11.39
CA ILE A 49 26.76 -4.78 11.67
C ILE A 49 25.80 -5.36 10.63
N ASN A 50 24.53 -5.46 10.99
CA ASN A 50 23.47 -5.86 10.08
C ASN A 50 22.62 -4.65 9.74
N ALA A 51 21.94 -4.70 8.60
CA ALA A 51 20.99 -3.65 8.28
C ALA A 51 19.56 -4.13 8.49
N VAL A 52 18.69 -3.18 8.79
CA VAL A 52 17.25 -3.43 8.83
C VAL A 52 16.60 -2.43 7.91
N VAL A 53 15.85 -2.93 6.93
CA VAL A 53 15.25 -2.13 5.88
C VAL A 53 13.74 -2.17 6.07
N MET A 54 13.11 -1.01 6.13
CA MET A 54 11.68 -0.98 6.42
C MET A 54 11.01 0.13 5.63
N GLY A 55 9.71 -0.04 5.39
CA GLY A 55 8.92 1.04 4.84
C GLY A 55 8.67 2.13 5.85
N ARG A 56 8.29 3.31 5.33
CA ARG A 56 8.08 4.47 6.18
C ARG A 56 7.03 4.21 7.27
N LYS A 57 5.94 3.52 6.94
CA LYS A 57 4.89 3.34 7.94
C LYS A 57 5.35 2.44 9.09
N THR A 58 6.15 1.42 8.80
CA THR A 58 6.72 0.59 9.87
C THR A 58 7.66 1.41 10.74
N TRP A 59 8.50 2.24 10.13
CA TRP A 59 9.33 3.16 10.89
C TRP A 59 8.48 4.01 11.83
N GLU A 60 7.34 4.49 11.33
CA GLU A 60 6.46 5.30 12.17
C GLU A 60 5.76 4.45 13.25
N LEU A 61 5.56 3.15 13.03
CA LEU A 61 4.98 2.32 14.08
C LEU A 61 5.95 2.08 15.24
N ILE A 62 7.25 2.09 14.97
CA ILE A 62 8.22 1.80 16.02
C ILE A 62 8.21 2.92 17.04
N PRO A 63 7.97 2.65 18.31
CA PRO A 63 8.04 3.72 19.31
C PRO A 63 9.37 4.46 19.25
N GLU A 64 9.31 5.78 19.46
CA GLU A 64 10.48 6.64 19.30
C GLU A 64 11.62 6.24 20.21
N ARG A 65 11.33 5.65 21.38
CA ARG A 65 12.42 5.26 22.26
C ARG A 65 13.22 4.07 21.72
N PHE A 66 12.75 3.41 20.67
CA PHE A 66 13.50 2.35 20.01
C PHE A 66 14.32 2.84 18.83
N ARG A 67 14.09 4.07 18.37
CA ARG A 67 14.58 4.50 17.06
C ARG A 67 15.81 5.40 17.17
N PRO A 68 16.78 5.25 16.28
CA PRO A 68 16.89 4.13 15.34
C PRO A 68 17.15 2.83 16.07
N LEU A 69 16.77 1.70 15.46
CA LEU A 69 16.97 0.41 16.12
C LEU A 69 18.45 0.22 16.43
N ALA A 70 18.76 0.03 17.72
CA ALA A 70 20.12 0.13 18.19
C ALA A 70 21.00 -0.94 17.58
N GLY A 71 22.24 -0.58 17.28
CA GLY A 71 23.23 -1.55 16.86
C GLY A 71 23.03 -2.09 15.48
N ARG A 72 22.13 -1.49 14.71
CA ARG A 72 21.85 -1.89 13.34
C ARG A 72 21.79 -0.65 12.45
N LEU A 73 22.17 -0.84 11.19
CA LEU A 73 21.91 0.12 10.13
C LEU A 73 20.43 0.13 9.74
N ASN A 74 19.76 1.21 10.14
CA ASN A 74 18.41 1.63 9.74
C ASN A 74 18.31 2.23 8.36
N VAL A 75 17.51 1.59 7.50
CA VAL A 75 17.19 2.07 6.16
C VAL A 75 15.68 2.24 6.13
N ILE A 76 15.22 3.45 5.79
CA ILE A 76 13.80 3.77 5.66
C ILE A 76 13.51 4.03 4.19
N LEU A 77 12.51 3.34 3.66
CA LEU A 77 12.12 3.50 2.26
C LEU A 77 10.87 4.38 2.17
N SER A 78 10.99 5.45 1.40
CA SER A 78 9.90 6.38 1.09
C SER A 78 10.14 6.86 -0.32
N ARG A 79 9.08 6.93 -1.12
CA ARG A 79 9.25 7.41 -2.49
C ARG A 79 9.62 8.89 -2.56
N LYS A 80 9.43 9.65 -1.49
CA LYS A 80 9.91 11.03 -1.44
C LYS A 80 11.30 11.18 -0.86
N ASN A 81 11.97 10.09 -0.46
CA ASN A 81 13.30 10.23 0.09
C ASN A 81 14.29 10.64 -1.01
N ASP A 82 15.40 11.27 -0.60
CA ASP A 82 16.42 11.72 -1.53
C ASP A 82 17.76 11.01 -1.33
N ASP A 83 17.73 9.78 -0.84
CA ASP A 83 18.92 8.95 -0.65
C ASP A 83 19.99 9.69 0.16
N LEU A 84 19.58 10.10 1.36
CA LEU A 84 20.44 10.82 2.28
C LEU A 84 20.60 10.01 3.57
N ILE A 85 21.76 10.15 4.19
CA ILE A 85 22.05 9.59 5.50
C ILE A 85 22.03 10.73 6.50
N ASP A 86 21.32 10.57 7.62
CA ASP A 86 21.17 11.68 8.56
C ASP A 86 22.21 11.58 9.67
N SER A 87 22.17 12.52 10.60
CA SER A 87 23.21 12.58 11.63
C SER A 87 23.14 11.41 12.59
N ASN A 88 21.98 10.76 12.69
CA ASN A 88 21.86 9.56 13.50
C ASN A 88 22.36 8.32 12.77
N GLY A 89 22.74 8.44 11.51
CA GLY A 89 23.18 7.31 10.71
C GLY A 89 22.08 6.61 9.95
N VAL A 90 20.86 7.15 9.95
CA VAL A 90 19.71 6.49 9.33
C VAL A 90 19.72 6.77 7.82
N TYR A 91 19.49 5.73 7.03
CA TYR A 91 19.54 5.85 5.58
C TYR A 91 18.12 6.09 5.07
N HIS A 92 17.89 7.25 4.47
CA HIS A 92 16.56 7.62 3.97
C HIS A 92 16.58 7.48 2.46
N PHE A 93 16.21 6.31 1.95
CA PHE A 93 16.36 6.06 0.52
C PHE A 93 15.00 5.86 -0.14
N SER A 94 14.98 6.05 -1.46
CA SER A 94 13.74 6.07 -2.22
C SER A 94 13.41 4.71 -2.84
N SER A 95 14.35 3.78 -2.90
CA SER A 95 14.07 2.45 -3.40
C SER A 95 15.08 1.48 -2.81
N PHE A 96 14.68 0.20 -2.77
CA PHE A 96 15.62 -0.82 -2.33
C PHE A 96 16.78 -0.92 -3.31
N ASP A 97 16.48 -0.77 -4.59
CA ASP A 97 17.54 -0.82 -5.59
C ASP A 97 18.57 0.27 -5.36
N SER A 98 18.12 1.47 -5.02
CA SER A 98 19.08 2.55 -4.86
C SER A 98 19.90 2.40 -3.58
N VAL A 99 19.33 1.83 -2.52
CA VAL A 99 20.18 1.67 -1.35
C VAL A 99 21.12 0.49 -1.54
N MET A 100 20.74 -0.51 -2.35
CA MET A 100 21.65 -1.61 -2.63
C MET A 100 22.84 -1.14 -3.46
N LYS A 101 22.60 -0.23 -4.41
CA LYS A 101 23.69 0.32 -5.20
C LYS A 101 24.64 1.16 -4.34
N HIS A 102 24.07 1.99 -3.46
CA HIS A 102 24.89 2.83 -2.58
C HIS A 102 25.72 1.97 -1.62
N LEU A 103 25.08 0.99 -0.97
CA LEU A 103 25.83 0.11 -0.08
C LEU A 103 26.97 -0.59 -0.82
N GLU A 104 26.71 -1.03 -2.04
CA GLU A 104 27.74 -1.72 -2.81
C GLU A 104 28.95 -0.81 -3.06
N LYS A 105 28.72 0.42 -3.48
CA LYS A 105 29.88 1.27 -3.77
C LYS A 105 30.64 1.58 -2.49
N ASP A 106 29.98 1.48 -1.33
CA ASP A 106 30.61 1.54 -0.02
C ASP A 106 31.28 0.24 0.39
N SER A 107 31.35 -0.76 -0.48
CA SER A 107 31.95 -2.05 -0.11
C SER A 107 31.16 -2.71 1.00
N PHE A 108 29.86 -2.46 1.03
CA PHE A 108 28.94 -3.03 2.01
C PHE A 108 29.43 -2.80 3.43
N ARG A 109 29.77 -1.54 3.70
CA ARG A 109 30.19 -1.09 5.02
C ARG A 109 29.27 0.04 5.48
N PHE A 110 29.06 0.09 6.78
CA PHE A 110 28.41 1.21 7.45
C PHE A 110 29.39 1.80 8.44
N LYS A 111 29.75 3.07 8.25
CA LYS A 111 30.71 3.74 9.12
C LYS A 111 31.88 2.83 9.47
N ASP A 112 32.54 2.34 8.43
CA ASP A 112 33.73 1.51 8.59
C ASP A 112 33.45 0.16 9.23
N MET A 113 32.19 -0.29 9.30
CA MET A 113 31.79 -1.59 9.87
C MET A 113 31.28 -2.46 8.74
N PRO A 114 31.87 -3.62 8.45
CA PRO A 114 31.31 -4.51 7.42
C PRO A 114 29.89 -4.96 7.75
N LEU A 115 29.05 -5.06 6.70
CA LEU A 115 27.68 -5.55 6.85
C LEU A 115 27.68 -7.07 6.73
N ASP A 116 26.94 -7.74 7.63
CA ASP A 116 26.82 -9.19 7.58
C ASP A 116 25.54 -9.64 6.86
N LYS A 117 24.38 -9.20 7.35
CA LYS A 117 23.08 -9.53 6.79
C LYS A 117 22.27 -8.26 6.60
N ILE A 118 21.36 -8.29 5.63
CA ILE A 118 20.42 -7.21 5.37
C ILE A 118 19.03 -7.80 5.60
N PHE A 119 18.31 -7.27 6.59
CA PHE A 119 16.99 -7.76 6.96
C PHE A 119 15.92 -6.81 6.43
N ILE A 120 14.90 -7.37 5.78
CA ILE A 120 13.74 -6.59 5.38
C ILE A 120 12.70 -6.84 6.45
N ILE A 121 12.40 -5.82 7.27
CA ILE A 121 11.63 -6.07 8.48
C ILE A 121 10.23 -5.55 8.39
N GLY A 122 9.81 -5.00 7.27
CA GLY A 122 8.56 -4.34 7.52
C GLY A 122 8.08 -3.40 6.46
N GLY A 123 6.77 -3.22 6.58
CA GLY A 123 5.80 -2.98 5.54
C GLY A 123 5.22 -4.20 4.84
N SER A 124 3.89 -4.43 4.94
CA SER A 124 3.21 -5.19 3.90
C SER A 124 3.64 -4.72 2.51
N GLN A 125 3.56 -3.41 2.28
CA GLN A 125 3.92 -2.88 0.97
C GLN A 125 5.35 -3.25 0.61
N ILE A 126 6.27 -3.09 1.54
CA ILE A 126 7.67 -3.40 1.29
C ILE A 126 7.86 -4.91 1.13
N TYR A 127 7.28 -5.70 2.05
CA TYR A 127 7.34 -7.16 1.95
C TYR A 127 6.87 -7.64 0.58
N ASN A 128 5.71 -7.16 0.14
CA ASN A 128 5.12 -7.71 -1.07
C ASN A 128 5.81 -7.22 -2.35
N LEU A 129 6.51 -6.08 -2.30
CA LEU A 129 7.39 -5.69 -3.41
C LEU A 129 8.66 -6.53 -3.41
N LEU A 130 9.35 -6.59 -2.28
CA LEU A 130 10.69 -7.18 -2.24
C LEU A 130 10.68 -8.70 -2.26
N ILE A 131 9.60 -9.37 -1.80
CA ILE A 131 9.61 -10.82 -1.88
C ILE A 131 9.67 -11.29 -3.32
N LEU A 132 9.46 -10.38 -4.28
CA LEU A 132 9.64 -10.66 -5.70
C LEU A 132 11.02 -10.24 -6.22
N ASP A 133 11.83 -9.58 -5.39
CA ASP A 133 13.18 -9.18 -5.78
C ASP A 133 14.09 -10.41 -5.69
N SER A 134 14.73 -10.75 -6.80
CA SER A 134 15.51 -11.97 -6.83
C SER A 134 16.73 -11.92 -5.93
N ARG A 135 17.08 -10.75 -5.39
CA ARG A 135 18.22 -10.67 -4.49
C ARG A 135 17.90 -11.20 -3.10
N VAL A 136 16.62 -11.32 -2.74
CA VAL A 136 16.24 -11.91 -1.45
C VAL A 136 16.65 -13.38 -1.41
N ASP A 137 17.52 -13.71 -0.47
CA ASP A 137 18.09 -15.05 -0.41
C ASP A 137 17.28 -16.01 0.44
N ASN A 138 16.56 -15.52 1.43
CA ASN A 138 15.82 -16.43 2.30
C ASN A 138 14.71 -15.67 3.01
N LEU A 139 13.79 -16.45 3.58
CA LEU A 139 12.71 -15.96 4.41
C LEU A 139 12.90 -16.51 5.82
N LEU A 140 12.80 -15.61 6.82
CA LEU A 140 12.73 -16.00 8.22
C LEU A 140 11.30 -15.70 8.65
N VAL A 141 10.47 -16.74 8.63
CA VAL A 141 9.03 -16.61 8.89
C VAL A 141 8.75 -17.21 10.26
N THR A 142 8.28 -16.39 11.20
CA THR A 142 7.71 -16.92 12.42
C THR A 142 6.26 -17.29 12.12
N GLN A 143 5.98 -18.60 12.12
CA GLN A 143 4.62 -19.07 11.86
C GLN A 143 3.82 -18.96 13.15
N VAL A 144 2.81 -18.09 13.14
CA VAL A 144 1.99 -17.78 14.32
C VAL A 144 0.64 -18.45 14.16
N HIS A 145 0.19 -19.13 15.21
CA HIS A 145 -1.06 -19.88 15.20
C HIS A 145 -1.93 -19.37 16.34
N PHE A 146 -3.18 -19.01 16.03
CA PHE A 146 -4.13 -18.65 17.06
C PHE A 146 -4.76 -19.93 17.61
N VAL A 147 -4.67 -20.11 18.94
CA VAL A 147 -5.24 -21.27 19.61
C VAL A 147 -6.35 -20.87 20.56
N GLY A 148 -6.75 -19.61 20.54
CA GLY A 148 -7.91 -19.18 21.30
C GLY A 148 -9.20 -19.57 20.60
N GLU A 149 -10.28 -18.95 21.05
CA GLU A 149 -11.62 -19.20 20.52
C GLU A 149 -11.80 -18.42 19.23
N ASP A 150 -11.97 -19.14 18.12
CA ASP A 150 -12.65 -18.66 16.93
C ASP A 150 -13.37 -17.30 17.03
N ALA A 151 -14.16 -17.05 18.07
CA ALA A 151 -14.85 -15.77 18.12
C ALA A 151 -13.91 -14.62 18.47
N ASP A 152 -12.73 -14.91 19.01
CA ASP A 152 -11.76 -13.89 19.39
C ASP A 152 -10.52 -13.91 18.48
N LYS A 153 -10.58 -14.68 17.39
CA LYS A 153 -9.46 -14.73 16.46
C LYS A 153 -9.22 -13.35 15.83
N PRO A 154 -7.98 -12.91 15.70
CA PRO A 154 -7.74 -11.62 15.05
C PRO A 154 -8.33 -11.64 13.65
N GLN A 155 -8.97 -10.54 13.27
CA GLN A 155 -9.44 -10.39 11.90
C GLN A 155 -8.32 -9.69 11.14
N MET A 156 -7.45 -10.49 10.53
CA MET A 156 -6.35 -9.93 9.78
C MET A 156 -6.85 -9.25 8.51
N ASP A 157 -6.23 -8.13 8.17
CA ASP A 157 -6.65 -7.39 6.98
C ASP A 157 -5.52 -7.09 6.01
N THR A 158 -4.26 -7.33 6.39
CA THR A 158 -3.12 -7.20 5.49
C THR A 158 -2.33 -8.51 5.56
N PHE A 159 -1.75 -8.91 4.42
CA PHE A 159 -1.23 -10.25 4.25
C PHE A 159 0.09 -10.23 3.50
N LEU A 160 0.87 -11.28 3.71
CA LEU A 160 2.07 -11.54 2.93
C LEU A 160 1.65 -12.35 1.71
N ASP A 161 1.79 -11.76 0.52
CA ASP A 161 1.39 -12.44 -0.72
C ASP A 161 2.61 -13.16 -1.26
N TRP A 162 2.85 -14.37 -0.75
CA TRP A 162 4.12 -15.03 -0.97
C TRP A 162 3.73 -16.30 -1.71
N ASP A 163 4.59 -16.75 -2.60
CA ASP A 163 4.33 -17.95 -3.39
C ASP A 163 5.04 -19.10 -2.70
N LEU A 164 4.31 -19.88 -1.88
CA LEU A 164 4.92 -21.02 -1.21
C LEU A 164 5.75 -21.86 -2.17
N SER A 165 5.23 -22.08 -3.38
CA SER A 165 5.87 -23.02 -4.32
C SER A 165 7.27 -22.59 -4.72
N LYS A 166 7.59 -21.28 -4.66
CA LYS A 166 8.94 -20.74 -4.98
C LYS A 166 9.92 -20.87 -3.82
N TRP A 167 9.54 -21.50 -2.69
CA TRP A 167 10.49 -21.54 -1.57
C TRP A 167 10.50 -22.94 -0.96
N LYS A 168 11.55 -23.22 -0.22
CA LYS A 168 11.75 -24.53 0.36
C LYS A 168 12.12 -24.30 1.81
N ARG A 169 11.40 -24.94 2.72
CA ARG A 169 11.70 -24.78 4.14
C ARG A 169 12.96 -25.56 4.50
N LEU A 170 13.81 -24.95 5.32
CA LEU A 170 15.05 -25.58 5.71
C LEU A 170 14.92 -26.21 7.09
N GLU A 171 15.91 -27.03 7.45
CA GLU A 171 15.90 -27.66 8.76
C GLU A 171 16.28 -26.63 9.83
N HIS A 172 15.84 -26.91 11.07
CA HIS A 172 16.08 -25.98 12.16
C HIS A 172 17.57 -25.71 12.36
N ASP A 173 18.40 -26.74 12.16
CA ASP A 173 19.84 -26.59 12.27
C ASP A 173 20.36 -25.55 11.29
N LYS A 174 19.76 -25.50 10.10
CA LYS A 174 20.19 -24.53 9.10
C LYS A 174 19.76 -23.12 9.49
N LEU A 175 18.56 -22.99 10.09
CA LEU A 175 18.15 -21.70 10.63
C LEU A 175 19.16 -21.19 11.66
N GLU A 176 19.47 -22.03 12.66
CA GLU A 176 20.43 -21.65 13.69
C GLU A 176 21.80 -21.32 13.10
N GLN A 177 22.26 -22.08 12.11
CA GLN A 177 23.57 -21.79 11.52
C GLN A 177 23.57 -20.42 10.84
N TYR A 178 22.47 -20.07 10.23
CA TYR A 178 22.39 -18.81 9.49
C TYR A 178 22.33 -17.62 10.43
N VAL A 179 21.40 -17.63 11.39
CA VAL A 179 21.27 -16.49 12.31
C VAL A 179 22.38 -16.45 13.35
N GLY A 180 23.19 -17.49 13.45
CA GLY A 180 24.33 -17.45 14.35
C GLY A 180 23.97 -17.60 15.80
N LEU A 181 22.86 -18.26 16.11
CA LEU A 181 22.31 -18.33 17.45
C LEU A 181 21.57 -19.65 17.65
N ASP A 182 21.59 -20.15 18.87
CA ASP A 182 20.64 -21.18 19.28
C ASP A 182 19.25 -20.56 19.34
N VAL A 183 18.27 -21.26 18.79
CA VAL A 183 16.90 -20.77 18.60
C VAL A 183 15.90 -21.79 19.12
N PRO A 184 14.90 -21.38 19.92
CA PRO A 184 13.89 -22.32 20.39
C PRO A 184 13.28 -23.09 19.22
N ARG A 185 13.09 -24.39 19.41
CA ARG A 185 12.59 -25.27 18.36
C ARG A 185 11.15 -25.69 18.66
N GLY A 186 10.39 -25.96 17.61
CA GLY A 186 9.00 -26.36 17.82
C GLY A 186 8.14 -25.15 18.15
N LEU A 187 7.02 -25.42 18.83
CA LEU A 187 6.00 -24.40 19.07
C LEU A 187 6.26 -23.69 20.39
N ASN A 188 6.31 -22.37 20.33
CA ASN A 188 6.38 -21.49 21.50
C ASN A 188 4.98 -21.03 21.84
N GLU A 189 4.70 -20.85 23.15
CA GLU A 189 3.37 -20.49 23.60
C GLU A 189 3.37 -19.12 24.28
N GLU A 190 2.37 -18.31 23.98
CA GLU A 190 2.14 -17.09 24.75
C GLU A 190 0.68 -16.70 24.59
N GLY A 191 -0.06 -16.71 25.69
CA GLY A 191 -1.46 -16.34 25.61
C GLY A 191 -2.20 -17.23 24.64
N SER A 192 -2.98 -16.60 23.76
CA SER A 192 -3.82 -17.33 22.82
C SER A 192 -3.07 -17.73 21.55
N TYR A 193 -1.74 -17.74 21.59
CA TYR A 193 -0.95 -17.97 20.39
C TYR A 193 0.12 -19.03 20.64
N ASN A 194 0.39 -19.80 19.59
CA ASN A 194 1.54 -20.69 19.47
C ASN A 194 2.37 -20.16 18.32
N TYR A 195 3.69 -20.32 18.36
CA TYR A 195 4.46 -19.84 17.21
C TYR A 195 5.79 -20.60 17.07
N GLU A 196 6.23 -20.71 15.81
CA GLU A 196 7.43 -21.47 15.47
C GLU A 196 8.32 -20.64 14.53
N TYR A 197 9.62 -20.64 14.81
CA TYR A 197 10.59 -19.98 13.94
C TYR A 197 10.98 -20.90 12.78
N THR A 198 10.90 -20.38 11.56
CA THR A 198 11.21 -21.13 10.36
C THR A 198 12.06 -20.30 9.41
N MET A 199 12.77 -21.03 8.55
CA MET A 199 13.64 -20.47 7.52
C MET A 199 13.31 -21.11 6.18
N TRP A 200 13.30 -20.30 5.13
CA TRP A 200 13.00 -20.78 3.79
C TRP A 200 14.02 -20.20 2.79
N GLU A 201 14.43 -21.00 1.82
CA GLU A 201 15.29 -20.49 0.75
C GLU A 201 14.59 -20.74 -0.60
N LYS A 202 15.16 -20.15 -1.67
CA LYS A 202 14.51 -20.27 -2.97
C LYS A 202 14.53 -21.72 -3.45
N ALA A 203 13.43 -22.12 -4.09
CA ALA A 203 13.24 -23.49 -4.55
C ALA A 203 13.59 -23.68 -6.01
N GLN A 204 14.20 -22.67 -6.64
CA GLN A 204 14.41 -22.59 -8.10
C GLN A 204 13.93 -23.79 -8.90
N THR B 3 -28.12 -0.89 1.86
CA THR B 3 -28.35 -0.88 0.42
C THR B 3 -27.90 0.46 -0.17
N ARG B 4 -26.92 1.07 0.47
CA ARG B 4 -26.44 2.38 0.05
C ARG B 4 -25.77 2.29 -1.31
N PRO B 5 -25.55 3.43 -1.96
CA PRO B 5 -24.71 3.43 -3.17
C PRO B 5 -23.36 2.80 -2.88
N LYS B 6 -22.83 2.13 -3.88
CA LYS B 6 -21.46 1.62 -3.79
C LYS B 6 -20.49 2.79 -3.87
N ILE B 7 -19.37 2.65 -3.17
CA ILE B 7 -18.34 3.68 -3.11
C ILE B 7 -17.07 3.12 -3.75
N SER B 8 -16.54 3.85 -4.74
CA SER B 8 -15.33 3.48 -5.45
C SER B 8 -14.31 4.58 -5.27
N LEU B 9 -13.06 4.18 -5.04
CA LEU B 9 -11.95 5.10 -5.20
C LEU B 9 -11.45 4.91 -6.63
N ILE B 10 -11.51 5.95 -7.44
CA ILE B 10 -11.09 5.84 -8.84
C ILE B 10 -9.86 6.73 -9.05
N VAL B 11 -8.81 6.14 -9.63
CA VAL B 11 -7.50 6.78 -9.72
C VAL B 11 -6.74 6.23 -10.93
N ALA B 12 -5.85 7.07 -11.46
CA ALA B 12 -4.88 6.67 -12.48
C ALA B 12 -3.49 6.78 -11.86
N ALA B 13 -2.78 5.67 -11.73
CA ALA B 13 -1.52 5.66 -10.98
C ALA B 13 -0.40 5.06 -11.81
N LEU B 14 0.73 5.76 -11.85
CA LEU B 14 1.87 5.27 -12.60
C LEU B 14 2.50 4.07 -11.91
N GLN B 15 3.00 3.10 -12.72
CA GLN B 15 3.66 1.93 -12.14
C GLN B 15 5.17 2.10 -12.18
N PRO B 16 5.90 1.43 -11.28
CA PRO B 16 5.36 0.58 -10.24
C PRO B 16 5.24 1.28 -8.89
N SER B 17 5.64 2.56 -8.82
CA SER B 17 5.67 3.29 -7.56
C SER B 17 4.34 3.92 -7.21
N MET B 18 3.38 3.90 -8.12
CA MET B 18 2.04 4.38 -7.81
C MET B 18 1.97 5.91 -7.77
N GLY B 19 2.82 6.58 -8.54
CA GLY B 19 2.76 8.03 -8.59
C GLY B 19 1.44 8.50 -9.19
N ILE B 20 0.90 9.59 -8.64
CA ILE B 20 -0.35 10.14 -9.16
C ILE B 20 -0.23 11.62 -9.52
N GLY B 21 0.84 12.28 -9.07
CA GLY B 21 1.00 13.69 -9.39
C GLY B 21 2.45 14.08 -9.55
N ALA B 22 2.66 15.23 -10.21
CA ALA B 22 3.99 15.80 -10.35
C ALA B 22 3.82 17.31 -10.48
N LYS B 23 4.43 18.05 -9.56
CA LYS B 23 4.34 19.52 -9.55
C LYS B 23 2.89 20.00 -9.49
N GLY B 24 2.09 19.34 -8.65
CA GLY B 24 0.73 19.80 -8.40
C GLY B 24 -0.27 19.50 -9.49
N SER B 25 0.07 18.69 -10.48
CA SER B 25 -0.85 18.37 -11.56
C SER B 25 -0.64 16.93 -12.00
N LEU B 26 -1.26 16.57 -13.13
CA LEU B 26 -1.20 15.24 -13.69
C LEU B 26 -0.24 15.26 -14.88
N PRO B 27 0.86 14.49 -14.85
CA PRO B 27 1.92 14.64 -15.87
C PRO B 27 1.63 14.02 -17.22
N TRP B 28 0.61 13.17 -17.35
CA TRP B 28 0.27 12.55 -18.63
C TRP B 28 -1.11 13.03 -19.07
N ARG B 29 -1.35 12.95 -20.37
CA ARG B 29 -2.61 13.36 -20.98
C ARG B 29 -3.05 12.20 -21.86
N LEU B 30 -3.88 11.33 -21.29
CA LEU B 30 -4.33 10.12 -21.94
C LEU B 30 -5.78 10.33 -22.30
N LYS B 31 -6.06 10.53 -23.60
CA LYS B 31 -7.41 10.86 -24.04
C LYS B 31 -8.39 9.77 -23.67
N ASN B 32 -8.03 8.53 -23.99
CA ASN B 32 -9.01 7.49 -23.78
C ASN B 32 -9.16 7.18 -22.31
N GLU B 33 -8.15 7.47 -21.49
CA GLU B 33 -8.31 7.23 -20.06
C GLU B 33 -9.29 8.27 -19.51
N MET B 34 -9.19 9.51 -20.02
CA MET B 34 -10.19 10.54 -19.72
C MET B 34 -11.58 10.11 -20.15
N LYS B 35 -11.71 9.53 -21.35
CA LYS B 35 -13.02 9.02 -21.79
C LYS B 35 -13.56 8.00 -20.80
N TYR B 36 -12.71 7.07 -20.36
CA TYR B 36 -13.13 6.05 -19.39
C TYR B 36 -13.60 6.69 -18.08
N PHE B 37 -12.84 7.66 -17.59
CA PHE B 37 -13.21 8.34 -16.35
C PHE B 37 -14.57 9.00 -16.49
N LYS B 38 -14.77 9.74 -17.57
CA LYS B 38 -16.06 10.39 -17.80
C LYS B 38 -17.19 9.36 -17.88
N ASP B 39 -16.99 8.31 -18.68
CA ASP B 39 -18.05 7.34 -18.89
C ASP B 39 -18.42 6.61 -17.60
N VAL B 40 -17.41 6.12 -16.87
CA VAL B 40 -17.70 5.35 -15.66
C VAL B 40 -18.37 6.22 -14.61
N THR B 41 -17.80 7.40 -14.35
CA THR B 41 -18.33 8.24 -13.27
C THR B 41 -19.73 8.74 -13.62
N SER B 42 -20.10 8.73 -14.90
CA SER B 42 -21.38 9.30 -15.32
C SER B 42 -22.47 8.26 -15.50
N LYS B 43 -22.11 6.99 -15.69
CA LYS B 43 -23.05 5.94 -16.08
C LYS B 43 -23.99 5.59 -14.93
N ALA B 44 -25.29 5.78 -15.14
CA ALA B 44 -26.26 5.49 -14.11
C ALA B 44 -27.58 5.08 -14.76
N LYS B 45 -28.44 4.46 -13.96
CA LYS B 45 -29.77 4.10 -14.41
C LYS B 45 -30.55 5.35 -14.81
N ASP B 46 -31.54 5.16 -15.69
CA ASP B 46 -32.41 6.24 -16.14
C ASP B 46 -32.98 6.99 -14.94
N GLY B 47 -32.75 8.30 -14.90
CA GLY B 47 -33.23 9.11 -13.80
C GLY B 47 -32.40 9.06 -12.54
N HIS B 48 -31.27 8.35 -12.57
CA HIS B 48 -30.33 8.27 -11.45
C HIS B 48 -29.10 9.12 -11.77
N ILE B 49 -28.21 9.22 -10.78
CA ILE B 49 -26.99 10.00 -10.94
C ILE B 49 -25.92 9.39 -10.02
N ASN B 50 -24.66 9.64 -10.34
CA ASN B 50 -23.56 9.26 -9.47
C ASN B 50 -22.99 10.51 -8.81
N ALA B 51 -22.26 10.32 -7.71
CA ALA B 51 -21.52 11.42 -7.10
C ALA B 51 -20.03 11.31 -7.39
N VAL B 52 -19.38 12.46 -7.50
CA VAL B 52 -17.93 12.54 -7.54
C VAL B 52 -17.49 13.41 -6.35
N VAL B 53 -16.59 12.86 -5.55
CA VAL B 53 -16.13 13.45 -4.29
C VAL B 53 -14.66 13.75 -4.45
N MET B 54 -14.28 14.99 -4.17
CA MET B 54 -12.88 15.38 -4.32
C MET B 54 -12.46 16.33 -3.22
N GLY B 55 -11.15 16.39 -3.00
CA GLY B 55 -10.60 17.44 -2.19
C GLY B 55 -10.55 18.78 -2.91
N ARG B 56 -10.39 19.82 -2.10
CA ARG B 56 -10.42 21.19 -2.64
C ARG B 56 -9.37 21.41 -3.71
N LYS B 57 -8.16 20.85 -3.57
CA LYS B 57 -7.13 21.14 -4.55
C LYS B 57 -7.45 20.48 -5.88
N THR B 58 -8.06 19.31 -5.84
CA THR B 58 -8.44 18.62 -7.06
C THR B 58 -9.52 19.42 -7.80
N TRP B 59 -10.51 19.91 -7.05
CA TRP B 59 -11.48 20.83 -7.62
C TRP B 59 -10.78 21.99 -8.32
N GLU B 60 -9.77 22.57 -7.68
CA GLU B 60 -9.10 23.73 -8.29
C GLU B 60 -8.27 23.37 -9.52
N LEU B 61 -7.85 22.12 -9.67
CA LEU B 61 -7.19 21.67 -10.88
C LEU B 61 -8.12 21.52 -12.07
N ILE B 62 -9.41 21.31 -11.83
CA ILE B 62 -10.35 21.09 -12.93
C ILE B 62 -10.60 22.41 -13.64
N PRO B 63 -10.36 22.49 -14.94
CA PRO B 63 -10.62 23.73 -15.68
C PRO B 63 -12.07 24.17 -15.48
N GLU B 64 -12.25 25.49 -15.38
CA GLU B 64 -13.56 26.07 -15.08
C GLU B 64 -14.63 25.60 -16.05
N ARG B 65 -14.28 25.44 -17.33
CA ARG B 65 -15.26 25.03 -18.32
C ARG B 65 -15.79 23.61 -18.07
N PHE B 66 -15.15 22.86 -17.17
CA PHE B 66 -15.62 21.50 -16.84
C PHE B 66 -16.48 21.46 -15.59
N ARG B 67 -16.61 22.57 -14.86
CA ARG B 67 -17.16 22.56 -13.51
C ARG B 67 -18.55 23.18 -13.46
N PRO B 68 -19.45 22.62 -12.66
CA PRO B 68 -19.31 21.32 -12.00
C PRO B 68 -19.25 20.20 -13.05
N LEU B 69 -18.55 19.09 -12.76
CA LEU B 69 -18.54 17.96 -13.71
C LEU B 69 -19.96 17.60 -14.10
N ALA B 70 -20.22 17.63 -15.40
CA ALA B 70 -21.58 17.52 -15.89
C ALA B 70 -22.20 16.17 -15.54
N GLY B 71 -23.50 16.18 -15.24
CA GLY B 71 -24.25 14.96 -15.05
C GLY B 71 -23.96 14.18 -13.80
N ARG B 72 -23.27 14.78 -12.82
CA ARG B 72 -22.91 14.09 -11.59
C ARG B 72 -23.04 15.06 -10.41
N LEU B 73 -23.38 14.51 -9.26
CA LEU B 73 -23.31 15.23 -7.99
C LEU B 73 -21.84 15.46 -7.61
N ASN B 74 -21.46 16.74 -7.58
CA ASN B 74 -20.11 17.19 -7.23
C ASN B 74 -20.04 17.49 -5.75
N VAL B 75 -19.10 16.85 -5.06
CA VAL B 75 -18.87 17.09 -3.64
C VAL B 75 -17.43 17.53 -3.47
N ILE B 76 -17.22 18.65 -2.78
CA ILE B 76 -15.89 19.20 -2.59
C ILE B 76 -15.63 19.19 -1.09
N LEU B 77 -14.52 18.59 -0.68
CA LEU B 77 -14.20 18.46 0.73
C LEU B 77 -13.16 19.52 1.13
N SER B 78 -13.49 20.32 2.14
CA SER B 78 -12.61 21.31 2.72
C SER B 78 -12.95 21.37 4.20
N ARG B 79 -11.94 21.37 5.05
CA ARG B 79 -12.22 21.45 6.48
C ARG B 79 -12.90 22.77 6.87
N LYS B 80 -12.79 23.80 6.03
CA LYS B 80 -13.44 25.07 6.31
C LYS B 80 -14.85 25.14 5.76
N ASN B 81 -15.34 24.05 5.16
CA ASN B 81 -16.67 24.07 4.58
C ASN B 81 -17.72 23.98 5.67
N ASP B 82 -18.90 24.54 5.40
CA ASP B 82 -20.01 24.50 6.34
C ASP B 82 -21.18 23.64 5.86
N ASP B 83 -20.89 22.58 5.12
CA ASP B 83 -21.89 21.58 4.73
C ASP B 83 -23.08 22.25 4.04
N LEU B 84 -22.78 23.00 2.98
CA LEU B 84 -23.76 23.74 2.24
C LEU B 84 -23.77 23.29 0.80
N ILE B 85 -24.93 23.42 0.16
CA ILE B 85 -25.12 23.10 -1.24
C ILE B 85 -25.33 24.43 -1.96
N ASP B 86 -24.58 24.67 -3.05
CA ASP B 86 -24.69 25.99 -3.66
C ASP B 86 -25.74 26.00 -4.78
N SER B 87 -25.86 27.13 -5.47
CA SER B 87 -26.89 27.28 -6.49
CA SER B 87 -26.90 27.28 -6.48
C SER B 87 -26.66 26.33 -7.65
N ASN B 88 -25.41 25.92 -7.89
CA ASN B 88 -25.11 25.00 -8.98
C ASN B 88 -25.34 23.55 -8.60
N GLY B 89 -25.77 23.29 -7.36
CA GLY B 89 -25.92 21.94 -6.85
C GLY B 89 -24.66 21.34 -6.26
N VAL B 90 -23.57 22.09 -6.21
CA VAL B 90 -22.31 21.57 -5.69
C VAL B 90 -22.39 21.47 -4.17
N TYR B 91 -21.97 20.33 -3.62
CA TYR B 91 -21.97 20.10 -2.19
C TYR B 91 -20.62 20.50 -1.61
N HIS B 92 -20.60 21.47 -0.72
CA HIS B 92 -19.37 21.94 -0.07
C HIS B 92 -19.36 21.44 1.37
N PHE B 93 -18.74 20.27 1.61
CA PHE B 93 -18.81 19.66 2.93
C PHE B 93 -17.43 19.56 3.59
N SER B 94 -17.47 19.46 4.91
CA SER B 94 -16.27 19.54 5.73
C SER B 94 -15.64 18.18 6.01
N SER B 95 -16.29 17.08 5.64
CA SER B 95 -15.72 15.75 5.84
C SER B 95 -16.49 14.75 4.98
N PHE B 96 -15.83 13.62 4.68
CA PHE B 96 -16.57 12.57 3.99
C PHE B 96 -17.68 12.04 4.89
N ASP B 97 -17.40 11.92 6.20
CA ASP B 97 -18.42 11.47 7.14
C ASP B 97 -19.67 12.34 7.08
N SER B 98 -19.46 13.66 7.03
CA SER B 98 -20.59 14.59 7.05
C SER B 98 -21.44 14.46 5.79
N VAL B 99 -20.82 14.35 4.62
CA VAL B 99 -21.65 14.25 3.43
C VAL B 99 -22.35 12.89 3.36
N MET B 100 -21.71 11.81 3.83
CA MET B 100 -22.37 10.50 3.92
C MET B 100 -23.60 10.57 4.82
N LYS B 101 -23.47 11.19 5.99
CA LYS B 101 -24.64 11.35 6.85
C LYS B 101 -25.72 12.17 6.16
N HIS B 102 -25.32 13.25 5.47
CA HIS B 102 -26.32 14.09 4.81
C HIS B 102 -27.03 13.35 3.69
N LEU B 103 -26.26 12.64 2.86
CA LEU B 103 -26.87 11.89 1.77
C LEU B 103 -27.84 10.85 2.32
N GLU B 104 -27.46 10.19 3.41
CA GLU B 104 -28.29 9.11 3.94
C GLU B 104 -29.63 9.61 4.39
N LYS B 105 -29.63 10.75 5.06
CA LYS B 105 -30.85 11.31 5.56
C LYS B 105 -31.69 11.85 4.42
N ASP B 106 -31.06 12.18 3.32
CA ASP B 106 -31.81 12.34 2.08
C ASP B 106 -32.10 11.05 1.34
N SER B 107 -32.03 9.82 1.88
CA SER B 107 -32.38 8.63 1.13
C SER B 107 -31.49 8.46 -0.10
N PHE B 108 -30.28 9.01 -0.03
CA PHE B 108 -29.30 8.89 -1.10
C PHE B 108 -29.89 9.34 -2.43
N ARG B 109 -30.52 10.52 -2.41
CA ARG B 109 -31.05 11.19 -3.58
C ARG B 109 -30.36 12.53 -3.75
N PHE B 110 -30.19 12.93 -5.00
CA PHE B 110 -29.73 14.26 -5.36
C PHE B 110 -30.82 14.92 -6.19
N LYS B 111 -31.41 15.97 -5.64
CA LYS B 111 -32.63 16.54 -6.16
C LYS B 111 -33.64 15.45 -5.91
N ASP B 112 -34.30 14.98 -6.96
CA ASP B 112 -35.10 13.76 -6.84
C ASP B 112 -34.50 12.62 -7.66
N MET B 113 -33.18 12.55 -7.73
CA MET B 113 -32.51 11.50 -8.50
C MET B 113 -31.83 10.54 -7.55
N PRO B 114 -32.19 9.25 -7.55
CA PRO B 114 -31.46 8.27 -6.75
C PRO B 114 -30.00 8.20 -7.15
N LEU B 115 -29.12 8.10 -6.15
CA LEU B 115 -27.69 7.91 -6.39
C LEU B 115 -27.37 6.42 -6.61
N ASP B 116 -26.58 6.12 -7.64
CA ASP B 116 -26.15 4.75 -7.91
C ASP B 116 -24.79 4.46 -7.29
N LYS B 117 -23.78 5.28 -7.63
CA LYS B 117 -22.41 5.08 -7.19
C LYS B 117 -21.84 6.39 -6.67
N ILE B 118 -20.87 6.28 -5.76
CA ILE B 118 -20.15 7.43 -5.22
C ILE B 118 -18.67 7.19 -5.52
N PHE B 119 -18.06 8.09 -6.29
CA PHE B 119 -16.66 7.97 -6.70
C PHE B 119 -15.79 8.98 -5.96
N ILE B 120 -14.71 8.49 -5.36
CA ILE B 120 -13.70 9.35 -4.77
C ILE B 120 -12.67 9.58 -5.86
N ILE B 121 -12.56 10.82 -6.35
CA ILE B 121 -11.77 11.06 -7.54
C ILE B 121 -10.46 11.79 -7.26
N GLY B 122 -10.10 11.94 -5.97
CA GLY B 122 -8.77 12.45 -5.75
C GLY B 122 -8.73 13.63 -4.81
N GLY B 123 -7.56 14.23 -4.89
CA GLY B 123 -6.69 14.53 -3.79
C GLY B 123 -5.84 13.35 -3.36
N SER B 124 -4.50 13.49 -3.40
CA SER B 124 -3.67 12.56 -2.65
C SER B 124 -4.11 12.51 -1.20
N GLN B 125 -4.35 13.68 -0.61
CA GLN B 125 -4.78 13.72 0.79
C GLN B 125 -6.11 12.99 0.99
N ILE B 126 -7.04 13.14 0.05
CA ILE B 126 -8.34 12.47 0.17
C ILE B 126 -8.21 10.96 -0.05
N TYR B 127 -7.46 10.57 -1.07
CA TYR B 127 -7.14 9.17 -1.29
C TYR B 127 -6.52 8.54 -0.06
N ASN B 128 -5.52 9.23 0.52
CA ASN B 128 -4.79 8.63 1.64
C ASN B 128 -5.64 8.47 2.87
N LEU B 129 -6.67 9.31 3.03
CA LEU B 129 -7.59 9.15 4.15
C LEU B 129 -8.65 8.09 3.86
N LEU B 130 -9.33 8.20 2.73
CA LEU B 130 -10.50 7.37 2.47
C LEU B 130 -10.15 5.93 2.08
N ILE B 131 -8.95 5.67 1.57
CA ILE B 131 -8.60 4.27 1.27
C ILE B 131 -8.65 3.42 2.54
N LEU B 132 -8.56 4.06 3.71
CA LEU B 132 -8.73 3.40 4.99
C LEU B 132 -10.17 3.42 5.50
N ASP B 133 -11.08 4.09 4.80
CA ASP B 133 -12.47 4.08 5.24
C ASP B 133 -13.10 2.74 4.86
N SER B 134 -13.61 2.01 5.85
CA SER B 134 -14.13 0.69 5.58
C SER B 134 -15.41 0.73 4.73
N ARG B 135 -16.00 1.91 4.55
CA ARG B 135 -17.14 2.05 3.64
C ARG B 135 -16.75 1.97 2.17
N VAL B 136 -15.48 2.18 1.83
CA VAL B 136 -15.06 2.06 0.44
C VAL B 136 -15.18 0.60 -0.01
N ASP B 137 -15.96 0.36 -1.07
CA ASP B 137 -16.24 -1.00 -1.52
C ASP B 137 -15.26 -1.51 -2.56
N ASN B 138 -14.66 -0.63 -3.34
CA ASN B 138 -13.74 -1.10 -4.37
C ASN B 138 -12.84 0.02 -4.83
N LEU B 139 -11.78 -0.38 -5.53
CA LEU B 139 -10.83 0.54 -6.15
C LEU B 139 -10.94 0.33 -7.65
N LEU B 140 -11.03 1.43 -8.40
CA LEU B 140 -10.94 1.38 -9.84
C LEU B 140 -9.63 2.05 -10.20
N VAL B 141 -8.60 1.24 -10.43
CA VAL B 141 -7.25 1.74 -10.63
C VAL B 141 -6.85 1.55 -12.08
N THR B 142 -6.51 2.65 -12.74
CA THR B 142 -5.90 2.58 -14.06
C THR B 142 -4.40 2.45 -13.80
N GLN B 143 -3.84 1.30 -14.16
CA GLN B 143 -2.41 1.09 -13.99
C GLN B 143 -1.69 1.66 -15.21
N VAL B 144 -0.95 2.75 -15.00
CA VAL B 144 -0.25 3.48 -16.06
C VAL B 144 1.21 3.05 -16.07
N HIS B 145 1.73 2.76 -17.26
CA HIS B 145 3.11 2.36 -17.45
C HIS B 145 3.80 3.30 -18.42
N PHE B 146 4.94 3.85 -18.03
CA PHE B 146 5.74 4.65 -18.95
C PHE B 146 6.59 3.74 -19.80
N VAL B 147 6.47 3.84 -21.12
CA VAL B 147 7.19 2.98 -22.04
C VAL B 147 8.20 3.74 -22.87
N GLY B 148 8.40 5.02 -22.58
CA GLY B 148 9.50 5.78 -23.16
C GLY B 148 10.82 5.47 -22.49
N GLU B 149 11.76 6.40 -22.65
CA GLU B 149 13.11 6.23 -22.12
C GLU B 149 13.19 6.66 -20.66
N ASP B 150 14.00 5.93 -19.88
CA ASP B 150 14.07 6.13 -18.44
C ASP B 150 14.32 7.60 -18.09
N ALA B 151 15.19 8.27 -18.84
CA ALA B 151 15.50 9.67 -18.55
C ALA B 151 14.31 10.59 -18.76
N ASP B 152 13.32 10.18 -19.55
CA ASP B 152 12.16 11.01 -19.83
C ASP B 152 10.95 10.63 -19.00
N LYS B 153 11.05 9.60 -18.18
CA LYS B 153 9.94 9.25 -17.30
C LYS B 153 9.62 10.45 -16.43
N PRO B 154 8.36 10.83 -16.27
CA PRO B 154 8.05 11.99 -15.44
C PRO B 154 8.41 11.73 -13.98
N GLN B 155 8.87 12.78 -13.31
CA GLN B 155 9.33 12.68 -11.92
C GLN B 155 8.14 12.93 -11.01
N MET B 156 7.45 11.85 -10.63
CA MET B 156 6.36 11.96 -9.68
C MET B 156 6.83 12.44 -8.31
N ASP B 157 6.03 13.29 -7.69
CA ASP B 157 6.24 13.71 -6.32
C ASP B 157 5.05 13.44 -5.42
N THR B 158 3.98 12.87 -5.96
CA THR B 158 2.78 12.54 -5.20
C THR B 158 2.40 11.10 -5.50
N PHE B 159 2.15 10.31 -4.46
CA PHE B 159 1.97 8.87 -4.61
C PHE B 159 0.78 8.39 -3.79
N LEU B 160 0.12 7.39 -4.34
CA LEU B 160 -0.95 6.71 -3.63
C LEU B 160 -0.35 5.90 -2.48
N ASP B 161 -1.04 5.89 -1.35
CA ASP B 161 -0.75 4.93 -0.27
C ASP B 161 -1.75 3.79 -0.39
N TRP B 162 -1.39 2.77 -1.14
CA TRP B 162 -2.30 1.64 -1.33
C TRP B 162 -1.54 0.37 -0.99
N ASP B 163 -1.95 -0.28 0.11
CA ASP B 163 -1.45 -1.61 0.46
C ASP B 163 -2.21 -2.63 -0.38
N LEU B 164 -1.56 -3.12 -1.42
CA LEU B 164 -2.23 -4.02 -2.35
C LEU B 164 -2.73 -5.27 -1.65
N SER B 165 -2.08 -5.70 -0.56
CA SER B 165 -2.43 -6.99 0.01
C SER B 165 -3.78 -6.95 0.70
N LYS B 166 -4.28 -5.75 1.03
CA LYS B 166 -5.60 -5.62 1.63
C LYS B 166 -6.72 -5.74 0.61
N TRP B 167 -6.38 -5.86 -0.67
CA TRP B 167 -7.34 -5.86 -1.75
C TRP B 167 -7.10 -7.09 -2.63
N LYS B 168 -8.01 -7.28 -3.58
CA LYS B 168 -8.07 -8.47 -4.41
C LYS B 168 -8.53 -8.04 -5.80
N ARG B 169 -7.72 -8.28 -6.81
CA ARG B 169 -8.08 -7.86 -8.17
C ARG B 169 -9.17 -8.77 -8.73
N LEU B 170 -10.17 -8.14 -9.36
CA LEU B 170 -11.30 -8.86 -9.93
C LEU B 170 -11.09 -9.07 -11.42
N GLU B 171 -11.88 -9.98 -11.97
CA GLU B 171 -11.81 -10.26 -13.40
C GLU B 171 -12.36 -9.08 -14.18
N HIS B 172 -11.89 -8.94 -15.43
CA HIS B 172 -12.40 -7.85 -16.25
C HIS B 172 -13.92 -7.87 -16.33
N ASP B 173 -14.53 -9.05 -16.46
CA ASP B 173 -15.99 -9.17 -16.49
C ASP B 173 -16.62 -8.46 -15.33
N LYS B 174 -16.01 -8.58 -14.15
CA LYS B 174 -16.58 -7.96 -12.96
C LYS B 174 -16.45 -6.45 -13.00
N LEU B 175 -15.34 -5.93 -13.53
CA LEU B 175 -15.21 -4.49 -13.71
C LEU B 175 -16.31 -3.96 -14.63
N GLU B 176 -16.57 -4.67 -15.73
CA GLU B 176 -17.60 -4.25 -16.67
C GLU B 176 -19.00 -4.35 -16.06
N GLN B 177 -19.27 -5.42 -15.31
CA GLN B 177 -20.56 -5.53 -14.64
C GLN B 177 -20.79 -4.38 -13.67
N TYR B 178 -19.76 -4.00 -12.92
CA TYR B 178 -19.90 -2.94 -11.93
C TYR B 178 -20.09 -1.57 -12.57
N VAL B 179 -19.20 -1.19 -13.51
CA VAL B 179 -19.34 0.13 -14.12
CA VAL B 179 -19.28 0.10 -14.20
C VAL B 179 -20.50 0.21 -15.12
N GLY B 180 -21.05 -0.93 -15.55
CA GLY B 180 -22.20 -0.94 -16.44
C GLY B 180 -21.88 -0.64 -17.89
N LEU B 181 -20.65 -0.88 -18.32
CA LEU B 181 -20.13 -0.44 -19.62
C LEU B 181 -19.18 -1.50 -20.13
N ASP B 182 -19.13 -1.66 -21.46
CA ASP B 182 -18.01 -2.34 -22.10
C ASP B 182 -16.76 -1.47 -21.91
N VAL B 183 -15.65 -2.11 -21.54
CA VAL B 183 -14.40 -1.44 -21.19
C VAL B 183 -13.25 -2.11 -21.93
N PRO B 184 -12.33 -1.36 -22.56
CA PRO B 184 -11.19 -1.99 -23.22
C PRO B 184 -10.45 -2.87 -22.23
N ARG B 185 -10.02 -4.04 -22.70
CA ARG B 185 -9.28 -5.00 -21.88
C ARG B 185 -7.80 -4.98 -22.27
N GLY B 186 -6.93 -5.26 -21.31
CA GLY B 186 -5.52 -5.27 -21.62
C GLY B 186 -4.91 -3.86 -21.62
N LEU B 187 -3.81 -3.71 -22.34
CA LEU B 187 -3.09 -2.44 -22.33
C LEU B 187 -3.64 -1.51 -23.40
N ASN B 188 -4.10 -0.34 -22.99
CA ASN B 188 -4.33 0.79 -23.88
C ASN B 188 -3.00 1.51 -24.08
N GLU B 189 -2.89 2.28 -25.14
CA GLU B 189 -1.60 2.92 -25.37
C GLU B 189 -1.74 4.18 -26.19
N GLU B 190 -1.17 5.26 -25.66
CA GLU B 190 -1.09 6.56 -26.31
C GLU B 190 0.30 7.12 -26.04
N GLY B 191 0.91 7.69 -27.06
CA GLY B 191 2.20 8.33 -26.84
C GLY B 191 3.14 7.43 -26.08
N SER B 192 3.75 7.96 -25.02
CA SER B 192 4.78 7.24 -24.28
C SER B 192 4.20 6.39 -23.15
N TYR B 193 2.93 6.01 -23.24
CA TYR B 193 2.28 5.34 -22.13
C TYR B 193 1.47 4.16 -22.60
N ASN B 194 1.36 3.18 -21.70
CA ASN B 194 0.48 2.02 -21.82
C ASN B 194 -0.36 2.03 -20.55
N TYR B 195 -1.64 1.67 -20.62
CA TYR B 195 -2.41 1.69 -19.39
C TYR B 195 -3.53 0.66 -19.45
N GLU B 196 -3.88 0.13 -18.28
CA GLU B 196 -4.85 -0.96 -18.15
C GLU B 196 -5.86 -0.62 -17.05
N TYR B 197 -7.14 -0.86 -17.32
CA TYR B 197 -8.19 -0.62 -16.32
C TYR B 197 -8.34 -1.83 -15.41
N THR B 198 -8.42 -1.60 -14.10
CA THR B 198 -8.50 -2.71 -13.16
C THR B 198 -9.48 -2.36 -12.05
N MET B 199 -10.00 -3.38 -11.40
CA MET B 199 -10.91 -3.16 -10.29
C MET B 199 -10.52 -4.10 -9.17
N TRP B 200 -10.64 -3.63 -7.93
CA TRP B 200 -10.22 -4.37 -6.75
C TRP B 200 -11.29 -4.31 -5.68
N GLU B 201 -11.43 -5.40 -4.92
CA GLU B 201 -12.33 -5.45 -3.78
C GLU B 201 -11.55 -5.85 -2.53
N LYS B 202 -12.17 -5.70 -1.36
CA LYS B 202 -11.48 -6.02 -0.12
C LYS B 202 -11.10 -7.51 -0.10
N ALA B 203 -9.93 -7.80 0.46
CA ALA B 203 -9.46 -9.17 0.53
C ALA B 203 -10.05 -9.92 1.71
N GLN B 204 -10.55 -9.21 2.72
CA GLN B 204 -11.14 -9.84 3.91
C GLN B 204 -10.15 -10.79 4.60
#